data_8V5H
#
_entry.id   8V5H
#
_cell.length_a   107.079
_cell.length_b   107.079
_cell.length_c   148.909
_cell.angle_alpha   90.00
_cell.angle_beta   90.00
_cell.angle_gamma   120.00
#
_symmetry.space_group_name_H-M   'P 61 2 2'
#
loop_
_entity.id
_entity.type
_entity.pdbx_description
1 polymer 'Serine/threonine-protein kinase greatwall'
2 non-polymer (3M)-N~6~-ethyl-3-(1-methyl-1H-imidazol-5-yl)-2,7-naphthyridine-1,6-diamine
#
_entity_poly.entity_id   1
_entity_poly.type   'polypeptide(L)'
_entity_poly.pdbx_seq_one_letter_code
;GSMDPTAGSKKEPGGGAATEEGVNRIAVPKPPSIEEFSIVKPISRGAFGKVYLGQKGGKLYAVKVVKKADMINKNMTHQV
QAERDALALSKSPFIVHLYYSLQSANNVYLVMEYLIGGDVKSLLHIYGYFDEEMAVKYISEVALALDYLHRHGIIHRDLK
PDNMLISNEGHIKLTDFGLSKVTLNRDINMMDILTTPRTFCILGTPDYLAPELLLGRAHGPAVDWWALGVCLFEFLTGIP
PFNDETPQQVFQNILKRDIPWPEGEEKLSDNAQSAVEILLTIDDTKRAGMKELKRHPLFSDVDWENLQHQTMPFIPQPDD
ETDTSYFEARNTAQHLTVSGFSL
;
_entity_poly.pdbx_strand_id   A
#
# COMPACT_ATOMS: atom_id res chain seq x y z
N PRO A 31 -31.26 3.39 3.76
CA PRO A 31 -30.21 4.33 4.16
C PRO A 31 -29.83 4.22 5.64
N PRO A 32 -28.97 3.24 6.03
CA PRO A 32 -28.62 3.08 7.46
C PRO A 32 -27.87 4.25 8.10
N SER A 33 -27.98 4.41 9.43
CA SER A 33 -27.37 5.52 10.16
C SER A 33 -26.28 5.10 11.12
N ILE A 34 -25.26 5.97 11.30
CA ILE A 34 -24.08 5.77 12.16
C ILE A 34 -24.41 5.45 13.65
N GLU A 35 -25.68 5.62 14.04
CA GLU A 35 -26.13 5.34 15.40
C GLU A 35 -26.03 3.82 15.65
N GLU A 36 -26.46 3.02 14.65
CA GLU A 36 -26.42 1.55 14.65
C GLU A 36 -25.01 1.00 14.91
N PHE A 37 -23.98 1.79 14.60
CA PHE A 37 -22.59 1.41 14.78
C PHE A 37 -22.09 1.73 16.18
N SER A 38 -21.47 0.74 16.82
CA SER A 38 -20.98 0.86 18.19
C SER A 38 -19.45 0.75 18.16
N ILE A 39 -18.73 1.82 18.54
CA ILE A 39 -17.27 1.78 18.52
C ILE A 39 -16.76 0.76 19.54
N VAL A 40 -15.87 -0.11 19.08
CA VAL A 40 -15.30 -1.19 19.90
C VAL A 40 -13.92 -0.78 20.42
N LYS A 41 -12.98 -0.51 19.53
CA LYS A 41 -11.63 -0.12 19.87
C LYS A 41 -10.92 0.35 18.60
N PRO A 42 -10.03 1.33 18.71
CA PRO A 42 -9.30 1.77 17.53
C PRO A 42 -8.38 0.69 16.98
N ILE A 43 -8.18 0.71 15.65
CA ILE A 43 -7.30 -0.20 14.94
C ILE A 43 -6.26 0.56 14.10
N SER A 44 -6.44 1.88 13.86
CA SER A 44 -5.49 2.64 13.06
C SER A 44 -5.47 4.14 13.41
N ARG A 45 -4.29 4.78 13.29
CA ARG A 45 -4.06 6.21 13.58
C ARG A 45 -4.22 7.10 12.33
N GLY A 49 -7.09 10.28 8.42
CA GLY A 49 -8.04 10.04 9.50
C GLY A 49 -7.72 8.82 10.35
N LYS A 50 -8.57 8.53 11.38
CA LYS A 50 -8.41 7.39 12.30
C LYS A 50 -9.33 6.23 11.93
N VAL A 51 -8.94 4.99 12.25
CA VAL A 51 -9.75 3.81 11.93
C VAL A 51 -10.17 3.06 13.18
N TYR A 52 -11.49 2.92 13.41
CA TYR A 52 -12.01 2.22 14.58
C TYR A 52 -12.63 0.89 14.18
N LEU A 53 -12.74 -0.04 15.12
CA LEU A 53 -13.35 -1.34 14.89
C LEU A 53 -14.82 -1.20 15.28
N GLY A 54 -15.70 -1.42 14.33
CA GLY A 54 -17.13 -1.23 14.53
C GLY A 54 -17.89 -2.44 14.94
N GLN A 55 -19.17 -2.24 15.24
CA GLN A 55 -20.10 -3.26 15.67
C GLN A 55 -21.48 -2.85 15.16
N LYS A 56 -22.21 -3.78 14.55
CA LYS A 56 -23.58 -3.54 14.11
C LYS A 56 -24.24 -4.85 13.71
N GLY A 57 -25.21 -5.28 14.52
CA GLY A 57 -25.97 -6.50 14.24
C GLY A 57 -25.19 -7.78 14.32
N GLY A 58 -24.17 -7.78 15.18
CA GLY A 58 -23.30 -8.95 15.35
C GLY A 58 -22.33 -9.10 14.19
N LYS A 59 -21.91 -7.95 13.62
CA LYS A 59 -20.97 -7.81 12.49
C LYS A 59 -19.93 -6.76 12.87
N LEU A 60 -18.70 -6.96 12.42
CA LEU A 60 -17.63 -6.01 12.70
C LEU A 60 -17.22 -5.26 11.44
N TYR A 61 -17.25 -3.94 11.50
CA TYR A 61 -16.83 -3.12 10.38
C TYR A 61 -15.54 -2.38 10.76
N ALA A 62 -14.97 -1.61 9.85
CA ALA A 62 -13.78 -0.82 10.16
C ALA A 62 -14.20 0.56 9.72
N VAL A 63 -14.41 1.46 10.67
CA VAL A 63 -14.93 2.77 10.33
C VAL A 63 -13.86 3.86 10.44
N LYS A 64 -13.60 4.52 9.30
CA LYS A 64 -12.63 5.58 9.23
C LYS A 64 -13.35 6.90 9.53
N VAL A 65 -12.76 7.72 10.41
CA VAL A 65 -13.34 9.00 10.76
C VAL A 65 -12.49 10.12 10.21
N VAL A 66 -13.13 11.00 9.43
CA VAL A 66 -12.45 12.15 8.87
C VAL A 66 -13.24 13.42 9.26
N LYS A 67 -12.76 14.15 10.30
CA LYS A 67 -13.44 15.36 10.75
C LYS A 67 -13.31 16.50 9.72
N LYS A 68 -14.25 17.45 9.70
CA LYS A 68 -14.19 18.56 8.75
C LYS A 68 -13.01 19.53 8.99
N ALA A 69 -12.11 19.21 9.96
CA ALA A 69 -10.90 19.97 10.30
C ALA A 69 -9.90 19.92 9.14
N ASP A 70 -9.83 18.78 8.46
CA ASP A 70 -8.95 18.61 7.30
C ASP A 70 -9.80 18.36 6.03
N MET A 71 -11.00 17.73 6.16
CA MET A 71 -11.88 17.45 5.02
C MET A 71 -12.37 18.74 4.38
N ILE A 72 -12.84 19.69 5.22
CA ILE A 72 -13.33 20.99 4.77
C ILE A 72 -12.41 22.14 5.21
N ASN A 73 -11.11 21.87 5.44
CA ASN A 73 -10.16 22.90 5.85
C ASN A 73 -8.69 22.51 5.64
N LYS A 74 -8.39 21.91 4.45
CA LYS A 74 -7.06 21.47 3.97
C LYS A 74 -7.20 20.56 2.73
N ASN A 75 -8.25 20.78 1.91
CA ASN A 75 -8.61 20.01 0.71
C ASN A 75 -9.04 18.58 1.03
N GLN A 79 -9.65 16.35 -1.96
CA GLN A 79 -9.50 14.95 -2.38
C GLN A 79 -10.10 13.98 -1.36
N VAL A 80 -11.13 14.40 -0.61
CA VAL A 80 -11.79 13.50 0.36
C VAL A 80 -12.75 12.62 -0.44
N GLN A 81 -13.50 13.21 -1.38
CA GLN A 81 -14.38 12.46 -2.26
C GLN A 81 -13.56 11.76 -3.36
N ALA A 82 -12.25 11.48 -3.11
CA ALA A 82 -11.32 10.80 -4.01
C ALA A 82 -11.03 9.42 -3.44
N GLU A 83 -10.78 9.30 -2.12
CA GLU A 83 -10.56 8.00 -1.48
C GLU A 83 -11.87 7.20 -1.44
N ARG A 84 -13.03 7.88 -1.27
CA ARG A 84 -14.34 7.25 -1.27
C ARG A 84 -14.79 6.74 -2.65
N ASP A 85 -14.21 7.31 -3.72
CA ASP A 85 -14.52 6.94 -5.10
C ASP A 85 -13.55 5.87 -5.63
N ALA A 86 -12.32 5.79 -5.08
CA ALA A 86 -11.32 4.76 -5.42
C ALA A 86 -11.60 3.43 -4.67
N LEU A 87 -12.27 3.54 -3.49
CA LEU A 87 -12.73 2.43 -2.65
C LEU A 87 -14.09 1.89 -3.16
N ALA A 88 -14.92 2.75 -3.79
CA ALA A 88 -16.13 2.29 -4.43
C ALA A 88 -15.64 2.03 -5.87
N LEU A 89 -15.10 0.80 -6.11
CA LEU A 89 -14.49 0.28 -7.36
C LEU A 89 -12.95 0.27 -7.32
N SER A 92 -12.34 -3.34 -6.38
CA SER A 92 -13.31 -4.04 -5.56
C SER A 92 -12.86 -5.45 -5.07
N PRO A 93 -12.30 -6.34 -5.93
CA PRO A 93 -11.95 -7.70 -5.45
C PRO A 93 -10.55 -7.88 -4.89
N PHE A 94 -9.69 -6.92 -5.21
CA PHE A 94 -8.28 -6.84 -4.80
C PHE A 94 -8.08 -5.78 -3.69
N ILE A 95 -8.97 -4.77 -3.71
CA ILE A 95 -9.05 -3.61 -2.84
C ILE A 95 -10.12 -3.84 -1.76
N VAL A 96 -9.90 -3.31 -0.54
CA VAL A 96 -10.81 -3.38 0.61
C VAL A 96 -12.23 -2.99 0.21
N HIS A 97 -13.20 -3.75 0.68
CA HIS A 97 -14.58 -3.51 0.34
C HIS A 97 -15.14 -2.34 1.13
N LEU A 98 -15.84 -1.43 0.46
CA LEU A 98 -16.48 -0.30 1.12
C LEU A 98 -17.97 -0.61 1.20
N TYR A 99 -18.51 -0.76 2.40
CA TYR A 99 -19.91 -1.07 2.58
C TYR A 99 -20.75 0.19 2.51
N TYR A 100 -20.49 1.20 3.39
CA TYR A 100 -21.30 2.41 3.43
C TYR A 100 -20.51 3.73 3.42
N SER A 101 -21.17 4.81 2.98
CA SER A 101 -20.62 6.17 2.98
C SER A 101 -21.52 7.01 3.90
N LEU A 102 -21.08 7.23 5.13
CA LEU A 102 -21.91 7.95 6.10
C LEU A 102 -21.33 9.30 6.50
N GLN A 103 -22.18 10.18 7.04
CA GLN A 103 -21.84 11.57 7.38
C GLN A 103 -22.14 11.93 8.86
N SER A 104 -21.78 13.15 9.31
CA SER A 104 -22.00 13.58 10.69
C SER A 104 -22.00 15.13 10.83
N ALA A 105 -22.03 15.64 12.10
CA ALA A 105 -22.00 17.06 12.44
C ALA A 105 -20.74 17.71 11.89
N ASN A 106 -19.61 17.00 11.97
CA ASN A 106 -18.31 17.47 11.48
C ASN A 106 -17.62 16.34 10.67
N ASN A 107 -17.73 15.12 11.18
CA ASN A 107 -17.11 13.91 10.66
C ASN A 107 -17.76 13.29 9.41
N VAL A 108 -16.96 12.47 8.69
CA VAL A 108 -17.35 11.63 7.56
C VAL A 108 -16.94 10.20 7.95
N TYR A 109 -17.74 9.23 7.55
CA TYR A 109 -17.50 7.84 7.92
C TYR A 109 -17.42 6.84 6.78
N LEU A 110 -16.29 6.17 6.67
CA LEU A 110 -16.10 5.14 5.67
C LEU A 110 -16.27 3.80 6.38
N VAL A 111 -17.42 3.17 6.21
CA VAL A 111 -17.71 1.89 6.83
C VAL A 111 -17.20 0.82 5.89
N MET A 112 -16.01 0.28 6.15
CA MET A 112 -15.42 -0.73 5.29
C MET A 112 -15.38 -2.10 5.99
N GLU A 113 -14.87 -3.13 5.32
CA GLU A 113 -14.77 -4.45 5.91
C GLU A 113 -13.67 -4.55 6.96
N TYR A 114 -13.82 -5.48 7.91
CA TYR A 114 -12.82 -5.67 8.95
C TYR A 114 -12.04 -6.95 8.71
N LEU A 115 -10.71 -6.81 8.57
CA LEU A 115 -9.84 -7.95 8.35
C LEU A 115 -8.95 -8.15 9.55
N ILE A 116 -9.25 -9.18 10.37
CA ILE A 116 -8.47 -9.48 11.58
C ILE A 116 -7.00 -9.69 11.34
N GLY A 117 -6.64 -10.09 10.11
CA GLY A 117 -5.25 -10.36 9.71
C GLY A 117 -4.27 -9.21 9.91
N GLY A 118 -4.83 -8.02 10.11
CA GLY A 118 -4.04 -6.82 10.34
C GLY A 118 -3.44 -6.32 9.05
N ASP A 119 -2.40 -5.52 9.18
CA ASP A 119 -1.70 -4.96 8.04
C ASP A 119 -0.34 -5.62 7.93
N VAL A 120 0.25 -5.53 6.74
CA VAL A 120 1.58 -6.09 6.50
C VAL A 120 2.64 -5.41 7.36
N LYS A 121 2.42 -4.12 7.70
CA LYS A 121 3.30 -3.32 8.55
C LYS A 121 3.52 -4.00 9.89
N SER A 122 2.43 -4.48 10.52
CA SER A 122 2.45 -5.17 11.81
C SER A 122 3.10 -6.51 11.68
N LEU A 123 2.62 -7.32 10.72
CA LEU A 123 3.11 -8.65 10.40
C LEU A 123 4.64 -8.65 10.23
N LEU A 124 5.16 -7.60 9.59
CA LEU A 124 6.59 -7.44 9.33
C LEU A 124 7.33 -7.16 10.60
N HIS A 125 6.79 -6.33 11.50
CA HIS A 125 7.44 -6.03 12.77
C HIS A 125 7.62 -7.33 13.59
N ILE A 126 6.59 -8.19 13.57
CA ILE A 126 6.56 -9.50 14.22
C ILE A 126 7.67 -10.43 13.69
N TYR A 127 7.74 -10.66 12.36
CA TYR A 127 8.75 -11.52 11.73
C TYR A 127 10.16 -10.89 11.61
N GLY A 128 10.24 -9.57 11.76
CA GLY A 128 11.47 -8.81 11.60
C GLY A 128 11.75 -8.44 10.15
N TYR A 129 11.42 -9.37 9.25
CA TYR A 129 11.55 -9.35 7.80
C TYR A 129 10.93 -10.69 7.25
N PHE A 130 10.60 -10.74 5.96
CA PHE A 130 10.06 -11.94 5.35
C PHE A 130 11.12 -12.68 4.55
N ASP A 131 10.96 -14.00 4.40
CA ASP A 131 11.89 -14.77 3.57
C ASP A 131 11.56 -14.50 2.10
N GLU A 132 12.55 -14.65 1.21
CA GLU A 132 12.39 -14.40 -0.23
C GLU A 132 11.08 -14.96 -0.82
N GLU A 133 10.72 -16.20 -0.48
CA GLU A 133 9.51 -16.84 -1.00
C GLU A 133 8.24 -16.11 -0.54
N MET A 134 8.23 -15.71 0.73
CA MET A 134 7.11 -15.02 1.39
C MET A 134 6.92 -13.60 0.88
N ALA A 135 8.03 -12.87 0.73
CA ALA A 135 8.02 -11.50 0.23
C ALA A 135 7.53 -11.43 -1.23
N VAL A 136 8.00 -12.36 -2.08
CA VAL A 136 7.56 -12.45 -3.47
C VAL A 136 6.08 -12.75 -3.53
N LYS A 137 5.58 -13.60 -2.62
CA LYS A 137 4.16 -13.94 -2.52
C LYS A 137 3.32 -12.66 -2.35
N TYR A 138 3.67 -11.85 -1.34
CA TYR A 138 2.97 -10.61 -1.06
C TYR A 138 3.13 -9.59 -2.17
N ILE A 139 4.35 -9.35 -2.64
CA ILE A 139 4.61 -8.36 -3.69
C ILE A 139 3.84 -8.65 -4.95
N SER A 140 3.75 -9.93 -5.35
CA SER A 140 2.98 -10.30 -6.54
C SER A 140 1.50 -9.97 -6.37
N GLU A 141 0.96 -10.21 -5.17
CA GLU A 141 -0.42 -9.91 -4.80
C GLU A 141 -0.64 -8.39 -4.88
N VAL A 142 0.29 -7.60 -4.28
CA VAL A 142 0.27 -6.13 -4.35
C VAL A 142 0.33 -5.65 -5.80
N ALA A 143 1.15 -6.31 -6.62
CA ALA A 143 1.30 -5.96 -8.02
C ALA A 143 0.03 -6.19 -8.78
N LEU A 144 -0.67 -7.29 -8.52
CA LEU A 144 -1.93 -7.58 -9.21
C LEU A 144 -3.04 -6.58 -8.87
N ALA A 145 -3.00 -6.09 -7.61
CA ALA A 145 -3.89 -5.08 -7.06
C ALA A 145 -3.56 -3.74 -7.75
N LEU A 146 -2.24 -3.37 -7.84
CA LEU A 146 -1.77 -2.17 -8.54
C LEU A 146 -2.21 -2.24 -9.99
N ASP A 147 -1.91 -3.35 -10.67
CA ASP A 147 -2.35 -3.54 -12.04
C ASP A 147 -3.85 -3.40 -12.20
N TYR A 148 -4.63 -3.92 -11.20
CA TYR A 148 -6.09 -3.76 -11.22
C TYR A 148 -6.44 -2.28 -11.22
N LEU A 149 -5.95 -1.56 -10.19
CA LEU A 149 -6.16 -0.12 -10.04
C LEU A 149 -5.88 0.65 -11.32
N HIS A 150 -4.65 0.56 -11.89
CA HIS A 150 -4.29 1.28 -13.13
C HIS A 150 -5.15 0.89 -14.28
N ARG A 151 -5.48 -0.41 -14.43
CA ARG A 151 -6.35 -0.86 -15.53
C ARG A 151 -7.70 -0.14 -15.53
N HIS A 152 -8.07 0.45 -14.38
CA HIS A 152 -9.29 1.20 -14.13
C HIS A 152 -9.03 2.69 -13.90
N GLY A 153 -8.01 3.23 -14.57
CA GLY A 153 -7.62 4.62 -14.45
C GLY A 153 -7.37 5.13 -13.04
N ILE A 154 -6.73 4.32 -12.16
CA ILE A 154 -6.49 4.78 -10.79
C ILE A 154 -5.08 4.57 -10.28
N ILE A 155 -4.35 5.65 -10.00
CA ILE A 155 -3.03 5.54 -9.36
C ILE A 155 -3.30 5.53 -7.86
N HIS A 156 -2.52 4.77 -7.11
CA HIS A 156 -2.71 4.72 -5.67
C HIS A 156 -2.09 5.97 -5.02
N ARG A 157 -0.83 6.25 -5.34
CA ARG A 157 -0.07 7.37 -4.80
C ARG A 157 0.32 7.20 -3.35
N ASP A 158 -0.29 6.28 -2.60
CA ASP A 158 0.07 6.08 -1.20
C ASP A 158 0.39 4.61 -0.82
N LEU A 159 1.10 3.88 -1.69
CA LEU A 159 1.45 2.50 -1.39
C LEU A 159 2.52 2.43 -0.27
N LYS A 160 2.31 1.56 0.71
CA LYS A 160 3.16 1.29 1.89
C LYS A 160 2.56 0.12 2.68
N PRO A 161 3.41 -0.66 3.39
CA PRO A 161 2.90 -1.83 4.13
C PRO A 161 1.77 -1.54 5.10
N ASP A 162 1.78 -0.35 5.66
CA ASP A 162 0.77 0.13 6.60
C ASP A 162 -0.62 0.08 5.92
N ASN A 163 -0.71 0.37 4.63
CA ASN A 163 -1.99 0.37 3.92
C ASN A 163 -2.26 -0.91 3.12
N MET A 164 -1.49 -1.97 3.38
CA MET A 164 -1.59 -3.29 2.76
C MET A 164 -2.21 -4.22 3.80
N LEU A 165 -3.46 -4.62 3.63
CA LEU A 165 -4.12 -5.48 4.62
C LEU A 165 -4.11 -6.92 4.25
N ILE A 166 -3.84 -7.78 5.23
CA ILE A 166 -3.88 -9.22 5.01
C ILE A 166 -5.35 -9.62 5.15
N SER A 167 -6.01 -9.92 4.02
CA SER A 167 -7.43 -10.30 4.02
C SER A 167 -7.66 -11.54 4.86
N ASN A 168 -8.94 -11.87 5.16
CA ASN A 168 -9.23 -13.11 5.88
C ASN A 168 -8.81 -14.33 4.99
N GLU A 169 -8.97 -14.22 3.65
CA GLU A 169 -8.54 -15.26 2.71
C GLU A 169 -7.02 -15.42 2.70
N GLY A 170 -6.29 -14.31 2.81
CA GLY A 170 -4.85 -14.35 2.87
C GLY A 170 -4.14 -13.46 1.89
N HIS A 171 -4.82 -13.07 0.81
CA HIS A 171 -4.22 -12.19 -0.20
C HIS A 171 -4.23 -10.74 0.28
N ILE A 172 -3.36 -9.89 -0.26
CA ILE A 172 -3.29 -8.50 0.18
C ILE A 172 -4.37 -7.60 -0.44
N LYS A 173 -4.99 -6.75 0.40
CA LYS A 173 -5.98 -5.78 0.01
C LYS A 173 -5.42 -4.35 0.25
N LEU A 174 -5.88 -3.35 -0.52
CA LEU A 174 -5.31 -1.99 -0.38
C LEU A 174 -6.24 -0.96 0.27
N THR A 175 -5.69 -0.10 1.17
CA THR A 175 -6.43 0.99 1.87
C THR A 175 -5.64 2.33 1.89
N ASP A 176 -6.26 3.41 2.47
CA ASP A 176 -5.74 4.78 2.65
C ASP A 176 -5.37 5.44 1.32
N PHE A 177 -6.36 5.61 0.45
CA PHE A 177 -6.22 6.17 -0.89
C PHE A 177 -5.93 7.73 -0.91
N GLY A 178 -4.69 8.05 -1.29
CA GLY A 178 -4.19 9.42 -1.41
C GLY A 178 -4.10 9.81 -2.88
N LEU A 179 -5.26 9.69 -3.60
CA LEU A 179 -5.56 10.04 -5.01
C LEU A 179 -5.10 8.97 -6.03
N LEU A 203 1.74 15.85 0.40
CA LEU A 203 2.84 14.89 0.51
C LEU A 203 2.58 13.80 1.58
N GLY A 204 2.73 12.52 1.20
CA GLY A 204 2.53 11.38 2.08
C GLY A 204 3.82 10.92 2.74
N THR A 205 3.90 9.62 3.13
CA THR A 205 5.13 9.07 3.78
C THR A 205 6.35 9.27 2.89
N PRO A 206 7.32 10.07 3.35
CA PRO A 206 8.48 10.37 2.50
C PRO A 206 9.28 9.16 2.07
N ASP A 207 9.44 8.18 2.96
CA ASP A 207 10.24 7.00 2.68
C ASP A 207 9.82 6.19 1.42
N TYR A 208 8.61 6.40 0.89
CA TYR A 208 8.16 5.63 -0.28
C TYR A 208 7.91 6.44 -1.54
N LEU A 209 8.07 7.77 -1.47
CA LEU A 209 7.77 8.62 -2.63
C LEU A 209 8.78 8.51 -3.75
N ALA A 210 8.30 8.44 -4.98
CA ALA A 210 9.17 8.34 -6.14
C ALA A 210 9.85 9.69 -6.39
N PRO A 211 11.02 9.72 -7.08
CA PRO A 211 11.68 11.02 -7.32
C PRO A 211 10.77 12.06 -7.95
N GLU A 212 9.96 11.71 -8.96
CA GLU A 212 9.03 12.64 -9.59
C GLU A 212 8.05 13.25 -8.62
N LEU A 213 7.69 12.51 -7.56
CA LEU A 213 6.77 13.02 -6.54
C LEU A 213 7.48 14.09 -5.72
N LEU A 214 8.77 13.83 -5.38
CA LEU A 214 9.66 14.79 -4.70
C LEU A 214 9.84 16.09 -5.55
N LEU A 215 10.12 15.93 -6.84
CA LEU A 215 10.35 17.06 -7.74
C LEU A 215 9.07 17.69 -8.27
N GLY A 216 7.94 17.43 -7.64
CA GLY A 216 6.65 18.00 -8.05
C GLY A 216 6.31 17.87 -9.52
N ARG A 217 6.82 16.82 -10.15
CA ARG A 217 6.65 16.59 -11.57
C ARG A 217 5.29 16.00 -11.92
N ALA A 218 4.90 16.10 -13.20
CA ALA A 218 3.69 15.46 -13.73
C ALA A 218 4.04 13.99 -13.77
N HIS A 219 3.24 13.15 -13.12
CA HIS A 219 3.57 11.74 -12.98
C HIS A 219 2.48 10.77 -13.48
N GLY A 220 2.78 9.47 -13.42
CA GLY A 220 1.87 8.41 -13.82
C GLY A 220 1.93 7.25 -12.86
N PRO A 221 1.36 6.12 -13.25
CA PRO A 221 1.37 4.93 -12.38
C PRO A 221 2.73 4.40 -11.96
N ALA A 222 3.80 4.83 -12.64
CA ALA A 222 5.16 4.44 -12.30
C ALA A 222 5.52 4.81 -10.88
N VAL A 223 4.80 5.77 -10.26
CA VAL A 223 5.04 6.10 -8.86
C VAL A 223 4.77 4.88 -8.00
N ASP A 224 3.71 4.10 -8.34
CA ASP A 224 3.32 2.89 -7.63
C ASP A 224 4.31 1.77 -7.72
N TRP A 225 5.00 1.66 -8.85
CA TRP A 225 6.02 0.64 -9.01
C TRP A 225 7.28 0.99 -8.22
N TRP A 226 7.55 2.29 -8.00
CA TRP A 226 8.65 2.73 -7.17
C TRP A 226 8.32 2.35 -5.76
N ALA A 227 7.10 2.71 -5.28
CA ALA A 227 6.60 2.36 -3.93
C ALA A 227 6.66 0.87 -3.73
N LEU A 228 6.25 0.09 -4.74
CA LEU A 228 6.32 -1.37 -4.72
C LEU A 228 7.76 -1.84 -4.52
N GLY A 229 8.70 -1.17 -5.17
CA GLY A 229 10.12 -1.46 -5.03
C GLY A 229 10.60 -1.20 -3.63
N VAL A 230 10.13 -0.09 -3.02
CA VAL A 230 10.46 0.27 -1.64
C VAL A 230 10.01 -0.83 -0.66
N CYS A 231 8.78 -1.37 -0.88
CA CYS A 231 8.25 -2.45 -0.05
C CYS A 231 8.95 -3.76 -0.31
N LEU A 232 9.24 -4.15 -1.55
CA LEU A 232 9.99 -5.37 -1.83
C LEU A 232 11.35 -5.38 -1.11
N PHE A 233 12.01 -4.23 -1.02
CA PHE A 233 13.27 -4.15 -0.30
C PHE A 233 13.01 -4.28 1.19
N GLU A 234 12.03 -3.50 1.70
CA GLU A 234 11.64 -3.51 3.10
C GLU A 234 11.11 -4.88 3.59
N PHE A 235 10.61 -5.73 2.69
CA PHE A 235 10.16 -7.08 3.08
C PHE A 235 11.38 -7.97 3.28
N LEU A 236 12.46 -7.78 2.49
CA LEU A 236 13.67 -8.60 2.62
C LEU A 236 14.61 -8.13 3.76
N THR A 237 14.43 -6.89 4.23
CA THR A 237 15.29 -6.26 5.22
C THR A 237 14.61 -5.88 6.55
N GLY A 238 13.34 -5.54 6.49
CA GLY A 238 12.61 -5.02 7.64
C GLY A 238 12.65 -3.50 7.66
N ILE A 239 13.74 -2.92 7.09
CA ILE A 239 13.94 -1.49 7.00
C ILE A 239 13.82 -0.99 5.54
N PRO A 240 13.15 0.16 5.34
CA PRO A 240 13.06 0.75 3.99
C PRO A 240 14.44 1.19 3.52
N PRO A 241 14.70 1.10 2.21
CA PRO A 241 16.07 1.37 1.73
C PRO A 241 16.56 2.79 1.92
N PHE A 242 15.67 3.76 1.77
CA PHE A 242 16.08 5.16 1.86
C PHE A 242 15.83 5.73 3.24
N ASN A 243 16.03 4.91 4.28
CA ASN A 243 15.79 5.33 5.64
C ASN A 243 16.88 6.19 6.24
N ASP A 244 16.47 7.34 6.78
CA ASP A 244 17.35 8.29 7.47
C ASP A 244 16.60 9.01 8.63
N GLU A 245 17.35 9.73 9.49
CA GLU A 245 16.79 10.41 10.67
C GLU A 245 15.89 11.63 10.34
N THR A 246 16.31 12.47 9.38
CA THR A 246 15.53 13.65 9.00
C THR A 246 14.81 13.43 7.67
N PRO A 247 13.65 14.08 7.45
CA PRO A 247 12.95 13.91 6.17
C PRO A 247 13.77 14.40 4.98
N GLN A 248 14.52 15.51 5.15
CA GLN A 248 15.35 16.04 4.07
C GLN A 248 16.42 15.05 3.65
N GLN A 249 17.01 14.34 4.63
CA GLN A 249 18.04 13.33 4.39
C GLN A 249 17.48 12.21 3.52
N VAL A 250 16.24 11.80 3.78
CA VAL A 250 15.53 10.76 3.04
C VAL A 250 15.43 11.13 1.56
N PHE A 251 15.09 12.39 1.26
CA PHE A 251 14.95 12.83 -0.13
C PHE A 251 16.25 12.73 -0.86
N GLN A 252 17.37 13.03 -0.19
CA GLN A 252 18.69 12.91 -0.81
C GLN A 252 19.01 11.48 -1.15
N ASN A 253 18.60 10.52 -0.29
CA ASN A 253 18.83 9.11 -0.57
C ASN A 253 17.96 8.65 -1.74
N ILE A 254 16.68 9.09 -1.78
CA ILE A 254 15.75 8.71 -2.86
C ILE A 254 16.31 9.21 -4.18
N LEU A 255 16.72 10.47 -4.22
CA LEU A 255 17.25 11.08 -5.43
C LEU A 255 18.60 10.52 -5.81
N LYS A 256 19.44 10.24 -4.83
CA LYS A 256 20.74 9.61 -5.09
C LYS A 256 20.59 8.13 -5.45
N ARG A 257 19.42 7.50 -5.15
CA ARG A 257 19.10 6.09 -5.28
C ARG A 257 20.14 5.32 -4.42
N ASP A 258 20.20 5.74 -3.15
CA ASP A 258 21.11 5.19 -2.18
C ASP A 258 20.52 3.94 -1.55
N ILE A 259 20.49 2.83 -2.30
CA ILE A 259 19.99 1.54 -1.83
C ILE A 259 21.11 0.88 -1.08
N PRO A 260 20.89 0.59 0.21
CA PRO A 260 21.94 -0.04 1.01
C PRO A 260 21.83 -1.55 0.96
N TRP A 261 22.36 -2.17 -0.09
CA TRP A 261 22.30 -3.63 -0.24
C TRP A 261 23.12 -4.30 0.86
N PRO A 262 22.60 -5.37 1.45
CA PRO A 262 23.35 -6.06 2.51
C PRO A 262 24.49 -6.92 1.96
N GLU A 263 25.47 -7.26 2.83
CA GLU A 263 26.61 -8.12 2.48
C GLU A 263 26.73 -9.31 3.47
N GLY A 264 27.38 -10.37 3.04
CA GLY A 264 27.57 -11.54 3.90
C GLY A 264 26.49 -12.59 3.74
N GLU A 265 26.17 -13.31 4.82
CA GLU A 265 25.13 -14.35 4.81
C GLU A 265 23.72 -13.78 4.55
N GLU A 266 23.55 -12.47 4.84
CA GLU A 266 22.32 -11.70 4.68
C GLU A 266 22.17 -11.06 3.28
N LYS A 267 23.28 -10.92 2.52
CA LYS A 267 23.33 -10.35 1.16
C LYS A 267 22.19 -10.88 0.27
N LEU A 268 21.39 -9.95 -0.31
CA LEU A 268 20.22 -10.27 -1.11
C LEU A 268 20.51 -11.08 -2.35
N SER A 269 19.55 -11.93 -2.76
CA SER A 269 19.66 -12.75 -3.96
C SER A 269 19.96 -11.90 -5.20
N ASP A 270 20.44 -12.52 -6.27
CA ASP A 270 20.70 -11.79 -7.51
C ASP A 270 19.35 -11.44 -8.19
N ASN A 271 18.37 -12.35 -8.11
CA ASN A 271 17.04 -12.08 -8.64
C ASN A 271 16.29 -11.05 -7.78
N ALA A 272 16.59 -10.98 -6.47
CA ALA A 272 15.95 -10.02 -5.58
C ALA A 272 16.53 -8.63 -5.80
N GLN A 273 17.88 -8.51 -5.91
CA GLN A 273 18.55 -7.24 -6.13
C GLN A 273 18.11 -6.65 -7.46
N SER A 274 18.02 -7.47 -8.50
CA SER A 274 17.57 -7.01 -9.81
C SER A 274 16.12 -6.53 -9.74
N ALA A 275 15.23 -7.30 -9.12
CA ALA A 275 13.83 -6.93 -8.98
C ALA A 275 13.64 -5.59 -8.27
N VAL A 276 14.45 -5.31 -7.25
CA VAL A 276 14.38 -4.03 -6.56
C VAL A 276 14.89 -2.95 -7.49
N GLU A 277 16.04 -3.17 -8.12
CA GLU A 277 16.65 -2.23 -9.06
C GLU A 277 15.71 -1.78 -10.17
N ILE A 278 15.00 -2.71 -10.84
CA ILE A 278 14.05 -2.33 -11.91
C ILE A 278 12.89 -1.48 -11.36
N LEU A 279 12.49 -1.72 -10.10
CA LEU A 279 11.42 -0.95 -9.50
C LEU A 279 11.93 0.40 -9.00
N LEU A 280 13.07 0.38 -8.34
CA LEU A 280 13.72 1.59 -7.88
C LEU A 280 14.68 2.17 -8.97
N THR A 281 14.10 2.56 -10.13
CA THR A 281 14.81 3.17 -11.26
C THR A 281 14.46 4.67 -11.23
N ILE A 282 15.44 5.60 -11.23
CA ILE A 282 15.08 7.02 -11.16
C ILE A 282 14.22 7.46 -12.36
N ASP A 283 14.68 7.22 -13.60
CA ASP A 283 13.98 7.60 -14.84
C ASP A 283 12.68 6.87 -14.98
N ASP A 284 11.60 7.57 -14.79
CA ASP A 284 10.27 6.98 -14.82
C ASP A 284 9.86 6.51 -16.19
N THR A 285 10.50 6.99 -17.29
CA THR A 285 10.21 6.47 -18.64
C THR A 285 10.92 5.15 -18.95
N LYS A 286 11.73 4.62 -18.03
CA LYS A 286 12.42 3.35 -18.19
C LYS A 286 12.03 2.37 -17.06
N ARG A 287 11.65 2.91 -15.86
CA ARG A 287 11.26 2.13 -14.66
C ARG A 287 10.23 1.03 -14.97
N ALA A 288 10.34 -0.11 -14.25
CA ALA A 288 9.52 -1.30 -14.39
C ALA A 288 8.06 -1.13 -14.15
N GLY A 289 7.29 -1.82 -14.98
CA GLY A 289 5.84 -1.87 -14.84
C GLY A 289 5.38 -3.26 -14.47
N MET A 290 4.14 -3.59 -14.74
CA MET A 290 3.62 -4.92 -14.45
C MET A 290 4.16 -5.88 -15.48
N LYS A 291 4.20 -5.49 -16.77
CA LYS A 291 4.74 -6.32 -17.87
C LYS A 291 6.16 -6.78 -17.54
N GLU A 292 7.09 -5.82 -17.26
CA GLU A 292 8.48 -6.09 -16.86
C GLU A 292 8.53 -7.02 -15.66
N LEU A 293 7.73 -6.75 -14.60
CA LEU A 293 7.63 -7.50 -13.33
C LEU A 293 7.17 -8.95 -13.51
N LYS A 294 6.05 -9.17 -14.20
CA LYS A 294 5.50 -10.48 -14.54
C LYS A 294 6.59 -11.36 -15.23
N ARG A 295 7.34 -10.77 -16.17
CA ARG A 295 8.36 -11.52 -16.90
C ARG A 295 9.75 -11.55 -16.21
N HIS A 296 9.91 -10.90 -15.04
CA HIS A 296 11.20 -10.89 -14.38
C HIS A 296 11.47 -12.22 -13.71
N PRO A 297 12.72 -12.74 -13.82
CA PRO A 297 13.07 -14.04 -13.21
C PRO A 297 12.70 -14.27 -11.72
N LEU A 298 12.63 -13.22 -10.88
CA LEU A 298 12.26 -13.41 -9.48
C LEU A 298 10.82 -13.90 -9.38
N PHE A 299 9.92 -13.44 -10.26
CA PHE A 299 8.52 -13.86 -10.28
C PHE A 299 8.31 -15.00 -11.30
N SER A 300 9.29 -15.91 -11.36
CA SER A 300 9.28 -17.04 -12.30
C SER A 300 8.29 -18.11 -11.84
N ASP A 301 8.38 -18.46 -10.54
CA ASP A 301 7.51 -19.47 -9.98
C ASP A 301 6.22 -18.79 -9.54
N VAL A 302 5.62 -18.01 -10.44
CA VAL A 302 4.36 -17.32 -10.15
C VAL A 302 3.36 -17.64 -11.24
N ASP A 303 2.18 -18.05 -10.85
CA ASP A 303 1.13 -18.38 -11.78
C ASP A 303 0.11 -17.26 -11.63
N TRP A 304 0.30 -16.15 -12.36
CA TRP A 304 -0.60 -14.99 -12.32
C TRP A 304 -2.03 -15.37 -12.71
N GLU A 305 -2.17 -16.36 -13.59
CA GLU A 305 -3.43 -16.87 -14.08
C GLU A 305 -4.20 -17.50 -12.89
N ASN A 306 -3.49 -18.33 -12.10
CA ASN A 306 -3.97 -19.03 -10.91
C ASN A 306 -4.21 -18.06 -9.77
N LEU A 307 -3.25 -17.14 -9.49
CA LEU A 307 -3.34 -16.13 -8.44
C LEU A 307 -4.59 -15.27 -8.62
N GLN A 308 -4.86 -14.89 -9.87
CA GLN A 308 -6.05 -14.11 -10.24
C GLN A 308 -7.35 -14.89 -9.91
N HIS A 309 -7.28 -16.22 -9.90
CA HIS A 309 -8.38 -17.10 -9.63
C HIS A 309 -8.50 -17.41 -8.17
N GLN A 310 -7.37 -17.61 -7.46
CA GLN A 310 -7.28 -17.88 -6.02
C GLN A 310 -8.20 -16.98 -5.19
N THR A 311 -8.46 -15.77 -5.70
CA THR A 311 -9.36 -14.79 -5.13
C THR A 311 -10.83 -15.32 -5.10
#